data_4KX5
#
_entry.id   4KX5
#
_cell.length_a   46.846
_cell.length_b   46.846
_cell.length_c   285.894
_cell.angle_alpha   90.000
_cell.angle_beta   90.000
_cell.angle_gamma   90.000
#
_symmetry.space_group_name_H-M   'P 43 2 2'
#
loop_
_entity.id
_entity.type
_entity.pdbx_description
1 polymer "Cytosolic 5'-nucleotidase 3"
2 non-polymer "CYTIDINE-5'-MONOPHOSPHATE"
3 non-polymer BETA-MERCAPTOETHANOL
4 non-polymer '4-(2-HYDROXYETHYL)-1-PIPERAZINE ETHANESULFONIC ACID'
5 non-polymer 1,2-ETHANEDIOL
6 non-polymer 'MAGNESIUM ION'
7 water water
#
_entity_poly.entity_id   1
_entity_poly.type   'polypeptide(L)'
_entity_poly.pdbx_seq_one_letter_code
;MTNQESAVHLKMMPEFQKSSVRIKNPTRVEEIICGLIKGGAAKLQIITDFNMTLSRFSYNGKRCPTCHNIIDNCKLVTDE
CRRKLLQLKEQYYAIEVDPVLTVEEKFPYMVEWYTKSHGLLIEQGIPKAKLKEIVADSDVMLKEGYENFFGKLQQHGIPV
FIFSAGIGDVLEEVIRQAGVYHSNVKVVSNFMDFDENGVLKGFKGELIHVFNKHDGALKNTDYFSQLKDNSNIILLGDSQ
GDLRMADGVANVEHILKIGYLNDRVDELLEKYMDSYDIVLVKEESLEVVNSILQKTL
;
_entity_poly.pdbx_strand_id   A
#
loop_
_chem_comp.id
_chem_comp.type
_chem_comp.name
_chem_comp.formula
BME non-polymer BETA-MERCAPTOETHANOL 'C2 H6 O S'
C5P non-polymer CYTIDINE-5'-MONOPHOSPHATE 'C9 H14 N3 O8 P'
EDO non-polymer 1,2-ETHANEDIOL 'C2 H6 O2'
EPE non-polymer '4-(2-HYDROXYETHYL)-1-PIPERAZINE ETHANESULFONIC ACID' 'C8 H18 N2 O4 S'
MG non-polymer 'MAGNESIUM ION' 'Mg 2'
#
# COMPACT_ATOMS: atom_id res chain seq x y z
N ALA A 7 -9.90 21.72 19.97
CA ALA A 7 -8.60 21.69 19.21
C ALA A 7 -7.92 20.33 19.32
N VAL A 8 -7.12 20.00 18.31
CA VAL A 8 -6.37 18.77 18.37
C VAL A 8 -5.01 19.03 19.02
N HIS A 9 -4.64 18.20 19.99
CA HIS A 9 -3.34 18.33 20.65
C HIS A 9 -2.64 17.01 20.63
N LEU A 10 -1.67 16.86 19.72
CA LEU A 10 -0.94 15.60 19.61
C LEU A 10 -0.31 15.19 20.92
N LYS A 11 0.19 16.16 21.68
CA LYS A 11 0.74 15.91 23.02
C LYS A 11 -0.17 15.11 23.96
N MET A 12 -1.48 15.24 23.80
CA MET A 12 -2.48 14.53 24.62
C MET A 12 -2.85 13.13 24.07
N MET A 13 -2.25 12.71 22.93
CA MET A 13 -2.58 11.42 22.32
C MET A 13 -1.42 10.48 22.40
N PRO A 14 -1.50 9.43 23.22
CA PRO A 14 -0.30 8.71 23.45
C PRO A 14 0.24 7.94 22.24
N GLU A 15 -0.62 7.61 21.30
CA GLU A 15 -0.18 6.90 20.08
C GLU A 15 0.82 7.73 19.27
N PHE A 16 0.69 9.05 19.40
CA PHE A 16 1.53 10.04 18.73
C PHE A 16 2.84 10.28 19.44
N GLN A 17 3.01 9.74 20.65
CA GLN A 17 4.24 10.00 21.42
C GLN A 17 5.15 8.80 21.41
N LYS A 18 4.75 7.73 20.75
CA LYS A 18 5.58 6.55 20.66
C LYS A 18 6.85 6.89 19.81
N SER A 19 7.96 6.23 20.15
CA SER A 19 9.28 6.59 19.57
C SER A 19 9.33 6.40 18.02
N SER A 20 8.44 5.55 17.50
CA SER A 20 8.34 5.27 16.06
C SER A 20 7.69 6.42 15.28
N VAL A 21 7.07 7.36 15.98
CA VAL A 21 6.30 8.42 15.33
C VAL A 21 7.10 9.70 15.14
N ARG A 22 7.37 10.08 13.89
CA ARG A 22 8.21 11.23 13.59
C ARG A 22 7.41 12.21 12.77
N ILE A 23 7.23 13.41 13.31
CA ILE A 23 6.41 14.39 12.68
C ILE A 23 7.23 15.67 12.54
N LYS A 24 7.42 16.14 11.33
CA LYS A 24 8.21 17.39 11.14
C LYS A 24 7.45 18.66 11.56
N ASN A 25 6.15 18.71 11.29
CA ASN A 25 5.35 19.86 11.53
C ASN A 25 4.12 19.57 12.36
N PRO A 26 4.30 19.51 13.70
CA PRO A 26 3.16 19.02 14.49
C PRO A 26 1.96 19.93 14.50
N THR A 27 2.19 21.21 14.31
CA THR A 27 1.05 22.09 14.36
C THR A 27 0.27 21.94 13.06
N ARG A 28 0.95 21.72 11.92
CA ARG A 28 0.20 21.49 10.68
C ARG A 28 -0.60 20.16 10.74
N VAL A 29 0.01 19.12 11.29
CA VAL A 29 -0.70 17.85 11.46
C VAL A 29 -1.93 18.02 12.37
N GLU A 30 -1.80 18.82 13.41
CA GLU A 30 -2.99 19.18 14.20
C GLU A 30 -4.07 19.81 13.41
N GLU A 31 -3.73 20.82 12.57
CA GLU A 31 -4.73 21.49 11.74
C GLU A 31 -5.41 20.55 10.77
N ILE A 32 -4.62 19.68 10.18
CA ILE A 32 -5.19 18.76 9.19
C ILE A 32 -6.18 17.82 9.89
N ILE A 33 -5.76 17.27 11.04
CA ILE A 33 -6.61 16.34 11.78
C ILE A 33 -7.88 17.07 12.24
N CYS A 34 -7.72 18.30 12.69
CA CYS A 34 -8.88 19.13 13.00
C CYS A 34 -9.84 19.25 11.81
N GLY A 35 -9.29 19.48 10.64
CA GLY A 35 -10.09 19.50 9.41
C GLY A 35 -10.83 18.19 9.14
N LEU A 36 -10.16 17.08 9.35
CA LEU A 36 -10.79 15.75 9.11
C LEU A 36 -11.94 15.60 10.09
N ILE A 37 -11.69 15.91 11.34
CA ILE A 37 -12.73 15.79 12.39
C ILE A 37 -13.93 16.67 12.03
N LYS A 38 -13.68 17.90 11.60
CA LYS A 38 -14.80 18.79 11.19
C LYS A 38 -15.67 18.21 10.11
N GLY A 39 -15.06 17.55 9.13
CA GLY A 39 -15.78 17.00 8.01
C GLY A 39 -16.50 15.72 8.31
N GLY A 40 -15.98 14.96 9.28
CA GLY A 40 -16.52 13.68 9.65
C GLY A 40 -16.57 12.66 8.51
N ALA A 41 -17.40 11.66 8.72
CA ALA A 41 -17.57 10.61 7.74
C ALA A 41 -17.97 11.10 6.39
N ALA A 42 -18.83 12.13 6.34
CA ALA A 42 -19.39 12.57 5.07
C ALA A 42 -18.34 13.01 4.06
N LYS A 43 -17.23 13.54 4.53
CA LYS A 43 -16.26 14.12 3.65
C LYS A 43 -14.96 13.26 3.47
N LEU A 44 -14.88 12.12 4.15
CA LEU A 44 -13.61 11.34 4.19
C LEU A 44 -13.52 10.31 3.07
N GLN A 45 -12.29 10.12 2.56
CA GLN A 45 -11.98 8.95 1.79
C GLN A 45 -10.54 8.54 2.07
N ILE A 46 -10.26 7.27 1.85
CA ILE A 46 -8.92 6.73 2.07
C ILE A 46 -8.27 6.34 0.74
N ILE A 47 -6.99 6.67 0.59
CA ILE A 47 -6.21 6.20 -0.55
C ILE A 47 -4.95 5.57 0.04
N THR A 48 -4.80 4.28 -0.18
CA THR A 48 -3.71 3.57 0.43
C THR A 48 -2.99 2.60 -0.49
N ASP A 49 -1.71 2.50 -0.24
CA ASP A 49 -0.86 1.49 -0.77
C ASP A 49 -1.18 0.17 -0.13
N PHE A 50 -0.71 -0.91 -0.74
CA PHE A 50 -0.82 -2.21 -0.09
C PHE A 50 0.45 -2.74 0.55
N ASN A 51 1.34 -3.31 -0.27
CA ASN A 51 2.50 -4.02 0.23
C ASN A 51 3.37 -3.13 1.16
N MET A 52 3.57 -3.63 2.40
CA MET A 52 4.40 -2.95 3.43
C MET A 52 3.77 -1.67 3.98
N THR A 53 2.52 -1.39 3.56
CA THR A 53 1.74 -0.26 4.13
C THR A 53 0.55 -0.87 4.93
N LEU A 54 -0.28 -1.69 4.28
CA LEU A 54 -1.30 -2.45 4.99
C LEU A 54 -0.80 -3.79 5.50
N SER A 55 0.21 -4.33 4.81
CA SER A 55 0.87 -5.59 5.22
C SER A 55 2.17 -5.29 5.94
N ARG A 56 2.65 -6.28 6.69
CA ARG A 56 3.83 -6.10 7.51
C ARG A 56 5.08 -6.28 6.69
N PHE A 57 6.12 -5.52 7.07
CA PHE A 57 7.46 -5.61 6.49
C PHE A 57 8.26 -6.78 7.12
N SER A 58 8.13 -6.95 8.43
CA SER A 58 8.72 -8.09 9.10
C SER A 58 7.94 -8.41 10.37
N TYR A 59 8.14 -9.63 10.85
CA TYR A 59 7.45 -10.12 12.02
C TYR A 59 8.41 -11.05 12.72
N ASN A 60 8.63 -10.82 14.01
CA ASN A 60 9.54 -11.67 14.77
C ASN A 60 10.91 -11.83 14.15
N GLY A 61 11.44 -10.71 13.68
CA GLY A 61 12.74 -10.63 13.05
C GLY A 61 12.91 -11.28 11.68
N LYS A 62 11.80 -11.70 11.05
CA LYS A 62 11.86 -12.28 9.71
C LYS A 62 11.09 -11.34 8.74
N ARG A 63 11.63 -11.17 7.54
CA ARG A 63 10.96 -10.39 6.49
C ARG A 63 9.68 -11.05 6.02
N CYS A 64 8.64 -10.23 5.80
CA CYS A 64 7.39 -10.74 5.35
C CYS A 64 7.21 -10.57 3.82
N PRO A 65 6.37 -11.40 3.23
CA PRO A 65 6.28 -11.38 1.77
C PRO A 65 5.39 -10.25 1.22
N THR A 66 5.80 -9.73 0.07
CA THR A 66 4.92 -8.93 -0.79
C THR A 66 3.98 -9.90 -1.53
N CYS A 67 2.97 -9.37 -2.20
CA CYS A 67 2.05 -10.17 -3.01
C CYS A 67 2.83 -10.93 -4.08
N HIS A 68 3.77 -10.29 -4.76
CA HIS A 68 4.63 -11.06 -5.66
C HIS A 68 5.39 -12.21 -4.95
N ASN A 69 5.97 -11.95 -3.79
CA ASN A 69 6.73 -12.93 -3.03
C ASN A 69 5.90 -14.16 -2.65
N ILE A 70 4.60 -13.94 -2.38
CA ILE A 70 3.69 -15.02 -2.16
C ILE A 70 3.72 -16.04 -3.32
N ILE A 71 3.73 -15.54 -4.55
CA ILE A 71 3.81 -16.42 -5.70
C ILE A 71 5.23 -16.99 -5.82
N ASP A 72 6.26 -16.13 -5.70
CA ASP A 72 7.67 -16.53 -5.82
C ASP A 72 7.93 -17.78 -4.95
N ASN A 73 7.40 -17.75 -3.74
CA ASN A 73 7.71 -18.74 -2.72
C ASN A 73 6.79 -19.95 -2.73
N CYS A 74 5.76 -19.95 -3.56
CA CYS A 74 4.73 -20.99 -3.46
C CYS A 74 5.09 -22.30 -4.20
N LYS A 75 4.32 -23.35 -3.87
CA LYS A 75 4.52 -24.71 -4.43
C LYS A 75 4.30 -24.82 -5.93
N LEU A 76 3.74 -23.80 -6.56
CA LEU A 76 3.39 -23.85 -7.99
C LEU A 76 4.44 -23.20 -8.87
N VAL A 77 5.59 -22.92 -8.28
CA VAL A 77 6.73 -22.38 -8.96
C VAL A 77 7.88 -23.36 -8.72
N THR A 78 8.65 -23.70 -9.75
CA THR A 78 9.79 -24.63 -9.57
C THR A 78 10.86 -23.96 -8.74
N ASP A 79 11.77 -24.77 -8.20
CA ASP A 79 12.83 -24.22 -7.37
C ASP A 79 13.80 -23.43 -8.21
N GLU A 80 13.90 -23.75 -9.48
CA GLU A 80 14.84 -23.06 -10.35
C GLU A 80 14.34 -21.62 -10.61
N CYS A 81 13.06 -21.55 -10.94
CA CYS A 81 12.35 -20.29 -11.11
C CYS A 81 12.41 -19.45 -9.83
N ARG A 82 12.16 -20.07 -8.69
CA ARG A 82 12.21 -19.38 -7.41
C ARG A 82 13.59 -18.80 -7.15
N ARG A 83 14.65 -19.54 -7.49
CA ARG A 83 16.00 -19.02 -7.41
C ARG A 83 16.25 -17.78 -8.29
N LYS A 84 15.78 -17.81 -9.52
CA LYS A 84 15.85 -16.68 -10.43
C LYS A 84 15.10 -15.46 -9.87
N LEU A 85 13.94 -15.73 -9.34
CA LEU A 85 13.08 -14.68 -8.75
C LEU A 85 13.67 -14.06 -7.50
N LEU A 86 14.26 -14.89 -6.65
CA LEU A 86 15.02 -14.42 -5.46
C LEU A 86 16.19 -13.52 -5.87
N GLN A 87 16.92 -13.92 -6.91
CA GLN A 87 18.02 -13.15 -7.36
C GLN A 87 17.57 -11.81 -7.96
N LEU A 88 16.51 -11.83 -8.75
CA LEU A 88 15.91 -10.56 -9.22
C LEU A 88 15.51 -9.67 -8.03
N LYS A 89 14.85 -10.26 -7.03
CA LYS A 89 14.44 -9.51 -5.85
C LYS A 89 15.63 -8.87 -5.21
N GLU A 90 16.70 -9.65 -5.02
CA GLU A 90 17.91 -9.07 -4.40
C GLU A 90 18.46 -7.92 -5.11
N GLN A 91 18.57 -8.05 -6.43
CA GLN A 91 19.19 -7.03 -7.25
C GLN A 91 18.33 -5.81 -7.35
N TYR A 92 17.05 -6.01 -7.63
CA TYR A 92 16.22 -4.85 -7.96
C TYR A 92 15.61 -4.16 -6.71
N TYR A 93 15.36 -4.91 -5.63
CA TYR A 93 14.97 -4.24 -4.38
C TYR A 93 16.05 -3.29 -3.91
N ALA A 94 17.29 -3.69 -4.12
CA ALA A 94 18.40 -2.82 -3.74
C ALA A 94 18.36 -1.53 -4.46
N ILE A 95 17.98 -1.56 -5.74
CA ILE A 95 17.84 -0.32 -6.51
C ILE A 95 16.59 0.50 -6.08
N GLU A 96 15.48 -0.21 -5.87
CA GLU A 96 14.24 0.44 -5.37
C GLU A 96 14.40 1.33 -4.14
N VAL A 97 15.17 0.86 -3.18
CA VAL A 97 15.37 1.59 -1.90
C VAL A 97 16.66 2.40 -1.86
N ASP A 98 17.49 2.29 -2.89
CA ASP A 98 18.78 3.03 -2.93
C ASP A 98 18.61 4.49 -2.65
N PRO A 99 19.24 4.98 -1.57
CA PRO A 99 18.98 6.38 -1.25
C PRO A 99 19.70 7.40 -2.17
N VAL A 100 20.71 6.93 -2.92
CA VAL A 100 21.50 7.83 -3.73
C VAL A 100 20.89 8.07 -5.12
N LEU A 101 20.04 7.18 -5.61
CA LEU A 101 19.43 7.35 -6.93
C LEU A 101 18.21 8.21 -6.89
N THR A 102 17.97 8.95 -7.95
CA THR A 102 16.70 9.64 -8.06
C THR A 102 15.56 8.73 -8.55
N VAL A 103 14.35 9.24 -8.43
CA VAL A 103 13.17 8.51 -8.89
C VAL A 103 13.33 8.19 -10.36
N GLU A 104 13.86 9.15 -11.13
CA GLU A 104 13.96 9.02 -12.58
C GLU A 104 15.03 8.00 -12.95
N GLU A 105 16.13 7.95 -12.20
CA GLU A 105 17.12 6.90 -12.34
C GLU A 105 16.57 5.49 -11.98
N LYS A 106 15.70 5.40 -10.97
CA LYS A 106 15.21 4.07 -10.57
C LYS A 106 14.16 3.54 -11.57
N PHE A 107 13.41 4.45 -12.18
CA PHE A 107 12.23 4.14 -12.98
C PHE A 107 12.43 3.01 -14.01
N PRO A 108 13.45 3.14 -14.87
CA PRO A 108 13.65 2.05 -15.86
C PRO A 108 13.99 0.73 -15.22
N TYR A 109 14.73 0.72 -14.10
CA TYR A 109 15.09 -0.55 -13.47
C TYR A 109 13.86 -1.23 -12.89
N MET A 110 12.91 -0.43 -12.39
CA MET A 110 11.64 -0.99 -11.92
C MET A 110 10.85 -1.58 -13.08
N VAL A 111 10.75 -0.87 -14.20
CA VAL A 111 10.12 -1.47 -15.38
C VAL A 111 10.72 -2.83 -15.73
N GLU A 112 12.03 -2.91 -15.68
CA GLU A 112 12.79 -4.08 -16.08
C GLU A 112 12.60 -5.21 -15.07
N TRP A 113 12.57 -4.88 -13.79
CA TRP A 113 12.29 -5.93 -12.79
C TRP A 113 10.94 -6.57 -13.06
N TYR A 114 9.91 -5.73 -13.25
CA TYR A 114 8.58 -6.24 -13.52
C TYR A 114 8.47 -7.05 -14.81
N THR A 115 9.14 -6.60 -15.85
CA THR A 115 9.11 -7.37 -17.08
C THR A 115 9.76 -8.73 -16.93
N LYS A 116 10.91 -8.77 -16.28
CA LYS A 116 11.57 -10.06 -16.07
C LYS A 116 10.82 -10.96 -15.11
N SER A 117 10.36 -10.43 -13.96
CA SER A 117 9.64 -11.27 -13.07
C SER A 117 8.32 -11.72 -13.63
N HIS A 118 7.58 -10.83 -14.28
CA HIS A 118 6.28 -11.28 -14.83
C HIS A 118 6.48 -12.29 -15.96
N GLY A 119 7.48 -12.06 -16.80
CA GLY A 119 7.88 -13.10 -17.78
C GLY A 119 8.00 -14.50 -17.18
N LEU A 120 8.76 -14.60 -16.08
CA LEU A 120 9.04 -15.85 -15.43
C LEU A 120 7.80 -16.48 -14.78
N LEU A 121 6.92 -15.64 -14.23
CA LEU A 121 5.69 -16.15 -13.65
C LEU A 121 4.76 -16.70 -14.71
N ILE A 122 4.66 -15.99 -15.84
CA ILE A 122 3.83 -16.44 -16.92
C ILE A 122 4.33 -17.83 -17.42
N GLU A 123 5.65 -18.02 -17.51
CA GLU A 123 6.20 -19.32 -17.92
C GLU A 123 5.82 -20.47 -17.00
N GLN A 124 5.63 -20.20 -15.71
CA GLN A 124 5.22 -21.22 -14.75
C GLN A 124 3.75 -21.65 -14.85
N GLY A 125 2.94 -20.95 -15.63
CA GLY A 125 1.52 -21.32 -15.77
C GLY A 125 0.65 -21.34 -14.51
N ILE A 126 0.70 -20.29 -13.72
CA ILE A 126 -0.04 -20.24 -12.44
C ILE A 126 -1.55 -20.38 -12.68
N PRO A 127 -2.22 -21.40 -12.12
CA PRO A 127 -3.68 -21.46 -12.24
C PRO A 127 -4.41 -20.57 -11.28
N LYS A 128 -5.40 -19.88 -11.80
CA LYS A 128 -6.33 -19.13 -11.00
C LYS A 128 -6.92 -19.90 -9.83
N ALA A 129 -7.40 -21.13 -10.05
CA ALA A 129 -8.07 -21.89 -8.98
C ALA A 129 -7.16 -22.18 -7.77
N LYS A 130 -5.85 -22.21 -8.00
CA LYS A 130 -4.87 -22.40 -6.94
C LYS A 130 -4.51 -21.16 -6.10
N LEU A 131 -4.89 -19.94 -6.51
CA LEU A 131 -4.51 -18.76 -5.73
C LEU A 131 -5.03 -18.82 -4.29
N LYS A 132 -6.22 -19.37 -4.09
CA LYS A 132 -6.75 -19.49 -2.76
C LYS A 132 -5.78 -20.26 -1.89
N GLU A 133 -5.30 -21.42 -2.35
CA GLU A 133 -4.49 -22.26 -1.44
C GLU A 133 -3.13 -21.64 -1.25
N ILE A 134 -2.57 -21.14 -2.33
CA ILE A 134 -1.28 -20.51 -2.31
C ILE A 134 -1.26 -19.40 -1.24
N VAL A 135 -2.30 -18.55 -1.18
CA VAL A 135 -2.37 -17.47 -0.17
C VAL A 135 -2.57 -18.04 1.24
N ALA A 136 -3.48 -19.01 1.37
CA ALA A 136 -3.72 -19.64 2.65
C ALA A 136 -2.43 -20.27 3.23
N ASP A 137 -1.59 -20.84 2.37
CA ASP A 137 -0.31 -21.40 2.82
C ASP A 137 0.84 -20.41 2.93
N SER A 138 0.63 -19.14 2.59
CA SER A 138 1.75 -18.19 2.60
C SER A 138 1.99 -17.64 3.99
N ASP A 139 3.03 -16.83 4.10
CA ASP A 139 3.41 -16.19 5.35
C ASP A 139 3.02 -14.73 5.41
N VAL A 140 2.08 -14.34 4.56
CA VAL A 140 1.66 -12.94 4.51
C VAL A 140 1.02 -12.55 5.85
N MET A 141 1.19 -11.28 6.26
CA MET A 141 0.65 -10.78 7.50
C MET A 141 0.19 -9.34 7.30
N LEU A 142 -1.02 -9.07 7.75
CA LEU A 142 -1.49 -7.69 7.75
C LEU A 142 -1.04 -7.01 9.03
N LYS A 143 -1.02 -5.67 9.00
CA LYS A 143 -0.55 -4.93 10.14
C LYS A 143 -1.49 -5.12 11.33
N GLU A 144 -0.91 -5.06 12.54
CA GLU A 144 -1.72 -5.07 13.74
C GLU A 144 -2.76 -3.94 13.67
N GLY A 145 -4.00 -4.26 14.01
CA GLY A 145 -5.11 -3.31 13.96
C GLY A 145 -5.86 -3.28 12.63
N TYR A 146 -5.56 -4.20 11.73
CA TYR A 146 -6.23 -4.22 10.46
C TYR A 146 -7.76 -4.47 10.57
N GLU A 147 -8.19 -5.31 11.51
CA GLU A 147 -9.65 -5.55 11.62
C GLU A 147 -10.40 -4.26 11.95
N ASN A 148 -9.88 -3.49 12.89
CA ASN A 148 -10.54 -2.27 13.30
CA ASN A 148 -10.52 -2.24 13.31
C ASN A 148 -10.43 -1.16 12.23
N PHE A 149 -9.30 -1.12 11.56
CA PHE A 149 -9.13 -0.22 10.38
C PHE A 149 -10.25 -0.48 9.37
N PHE A 150 -10.29 -1.68 8.77
CA PHE A 150 -11.27 -1.97 7.75
C PHE A 150 -12.71 -1.97 8.31
N GLY A 151 -12.84 -2.32 9.58
CA GLY A 151 -14.15 -2.45 10.23
C GLY A 151 -14.83 -1.12 10.49
N LYS A 152 -14.08 -0.16 11.04
CA LYS A 152 -14.55 1.17 11.25
C LYS A 152 -14.89 1.86 9.92
N LEU A 153 -14.01 1.69 8.94
CA LEU A 153 -14.26 2.30 7.66
C LEU A 153 -15.56 1.79 7.01
N GLN A 154 -15.76 0.47 7.05
CA GLN A 154 -16.96 -0.13 6.44
C GLN A 154 -18.23 0.26 7.22
N GLN A 155 -18.11 0.30 8.54
CA GLN A 155 -19.23 0.71 9.41
C GLN A 155 -19.77 2.06 9.03
N HIS A 156 -18.89 2.96 8.55
CA HIS A 156 -19.28 4.32 8.17
C HIS A 156 -19.30 4.56 6.66
N GLY A 157 -19.23 3.47 5.90
CA GLY A 157 -19.28 3.57 4.44
C GLY A 157 -18.21 4.45 3.83
N ILE A 158 -17.00 4.46 4.40
CA ILE A 158 -15.91 5.36 3.89
C ILE A 158 -15.25 4.67 2.69
N PRO A 159 -15.16 5.36 1.54
CA PRO A 159 -14.51 4.84 0.35
C PRO A 159 -13.04 4.58 0.64
N VAL A 160 -12.59 3.38 0.31
CA VAL A 160 -11.21 3.01 0.43
C VAL A 160 -10.71 2.56 -0.95
N PHE A 161 -9.69 3.21 -1.45
CA PHE A 161 -9.04 2.94 -2.75
C PHE A 161 -7.66 2.38 -2.45
N ILE A 162 -7.50 1.08 -2.70
CA ILE A 162 -6.24 0.40 -2.48
C ILE A 162 -5.50 0.38 -3.85
N PHE A 163 -4.37 1.10 -3.93
CA PHE A 163 -3.66 1.34 -5.17
C PHE A 163 -2.26 0.70 -5.06
N SER A 164 -2.11 -0.48 -5.63
CA SER A 164 -0.94 -1.30 -5.40
C SER A 164 -0.22 -1.65 -6.72
N ALA A 165 1.11 -1.59 -6.71
CA ALA A 165 1.92 -2.04 -7.84
C ALA A 165 2.28 -3.52 -7.69
N GLY A 166 1.49 -4.25 -6.90
CA GLY A 166 1.70 -5.68 -6.68
C GLY A 166 0.89 -6.51 -7.68
N ILE A 167 0.23 -7.55 -7.20
CA ILE A 167 -0.64 -8.40 -8.06
C ILE A 167 -2.03 -8.39 -7.49
N GLY A 168 -2.97 -7.83 -8.25
CA GLY A 168 -4.34 -7.65 -7.75
C GLY A 168 -5.04 -8.91 -7.27
N ASP A 169 -4.85 -10.04 -7.97
CA ASP A 169 -5.56 -11.27 -7.62
C ASP A 169 -5.12 -11.81 -6.26
N VAL A 170 -3.81 -11.67 -6.01
CA VAL A 170 -3.22 -12.04 -4.76
C VAL A 170 -3.70 -11.13 -3.64
N LEU A 171 -3.56 -9.83 -3.84
CA LEU A 171 -4.02 -8.89 -2.86
C LEU A 171 -5.49 -9.17 -2.46
N GLU A 172 -6.39 -9.24 -3.43
CA GLU A 172 -7.82 -9.48 -3.14
C GLU A 172 -7.97 -10.76 -2.31
N GLU A 173 -7.22 -11.80 -2.66
CA GLU A 173 -7.34 -13.06 -1.92
C GLU A 173 -6.84 -12.93 -0.48
N VAL A 174 -5.80 -12.11 -0.24
CA VAL A 174 -5.32 -11.89 1.16
C VAL A 174 -6.40 -11.22 1.97
N ILE A 175 -7.00 -10.15 1.46
CA ILE A 175 -7.98 -9.42 2.26
C ILE A 175 -9.33 -10.18 2.39
N ARG A 176 -9.68 -10.93 1.34
CA ARG A 176 -10.83 -11.84 1.33
C ARG A 176 -10.69 -12.88 2.45
N GLN A 177 -9.53 -13.54 2.50
CA GLN A 177 -9.30 -14.54 3.57
C GLN A 177 -9.25 -13.96 4.95
N ALA A 178 -8.78 -12.73 5.07
CA ALA A 178 -8.75 -12.07 6.37
C ALA A 178 -10.12 -11.48 6.77
N GLY A 179 -11.10 -11.64 5.90
CA GLY A 179 -12.49 -11.16 6.04
C GLY A 179 -12.65 -9.66 6.11
N VAL A 180 -11.79 -8.93 5.42
CA VAL A 180 -11.90 -7.45 5.43
C VAL A 180 -12.09 -6.87 4.03
N TYR A 181 -12.38 -7.71 3.03
CA TYR A 181 -12.62 -7.16 1.73
C TYR A 181 -14.08 -6.72 1.57
N HIS A 182 -14.39 -5.60 2.23
CA HIS A 182 -15.75 -5.14 2.35
C HIS A 182 -16.15 -4.33 1.12
N SER A 183 -17.43 -3.99 1.03
CA SER A 183 -17.93 -3.36 -0.18
C SER A 183 -17.35 -1.96 -0.45
N ASN A 184 -16.86 -1.31 0.60
CA ASN A 184 -16.25 0.04 0.48
C ASN A 184 -14.85 0.03 -0.12
N VAL A 185 -14.30 -1.18 -0.32
CA VAL A 185 -12.94 -1.35 -0.78
C VAL A 185 -12.89 -1.53 -2.29
N LYS A 186 -12.15 -0.66 -2.94
CA LYS A 186 -11.81 -0.78 -4.36
C LYS A 186 -10.33 -1.05 -4.55
N VAL A 187 -9.98 -2.07 -5.36
CA VAL A 187 -8.58 -2.43 -5.63
C VAL A 187 -8.18 -2.09 -7.03
N VAL A 188 -7.13 -1.32 -7.21
CA VAL A 188 -6.45 -1.11 -8.51
C VAL A 188 -5.01 -1.61 -8.41
N SER A 189 -4.68 -2.58 -9.25
CA SER A 189 -3.37 -3.18 -9.23
C SER A 189 -3.13 -3.89 -10.57
N ASN A 190 -2.06 -4.69 -10.63
CA ASN A 190 -1.76 -5.50 -11.83
C ASN A 190 -2.49 -6.83 -11.73
N PHE A 191 -3.53 -7.00 -12.56
CA PHE A 191 -4.39 -8.11 -12.47
C PHE A 191 -4.00 -9.08 -13.58
N MET A 192 -4.04 -10.34 -13.21
CA MET A 192 -3.59 -11.44 -14.06
C MET A 192 -4.57 -11.67 -15.18
N ASP A 193 -4.05 -12.04 -16.33
CA ASP A 193 -4.88 -12.45 -17.49
C ASP A 193 -4.73 -13.97 -17.73
N PHE A 194 -5.87 -14.65 -17.76
CA PHE A 194 -5.92 -16.09 -17.70
C PHE A 194 -6.41 -16.59 -19.05
N ASP A 195 -5.84 -17.69 -19.52
CA ASP A 195 -6.27 -18.32 -20.79
C ASP A 195 -7.54 -19.11 -20.57
N GLU A 196 -8.04 -19.68 -21.67
CA GLU A 196 -9.25 -20.51 -21.62
C GLU A 196 -9.22 -21.61 -20.54
N ASN A 197 -8.06 -22.21 -20.25
CA ASN A 197 -7.90 -23.15 -19.12
C ASN A 197 -7.97 -22.53 -17.70
N GLY A 198 -7.95 -21.20 -17.57
CA GLY A 198 -7.78 -20.54 -16.26
C GLY A 198 -6.31 -20.54 -15.83
N VAL A 199 -5.43 -20.41 -16.82
CA VAL A 199 -3.99 -20.45 -16.61
C VAL A 199 -3.31 -19.15 -17.03
N LEU A 200 -2.43 -18.65 -16.16
CA LEU A 200 -1.84 -17.35 -16.33
C LEU A 200 -1.18 -17.23 -17.69
N LYS A 201 -1.60 -16.22 -18.45
CA LYS A 201 -1.00 -15.97 -19.75
C LYS A 201 -0.45 -14.56 -19.90
N GLY A 202 -0.76 -13.67 -18.96
CA GLY A 202 -0.25 -12.32 -19.05
C GLY A 202 -0.88 -11.46 -17.96
N PHE A 203 -0.68 -10.15 -18.07
CA PHE A 203 -1.32 -9.20 -17.12
C PHE A 203 -2.16 -8.25 -17.90
N LYS A 204 -3.28 -7.85 -17.30
CA LYS A 204 -4.20 -6.88 -17.88
C LYS A 204 -3.78 -5.42 -17.80
N GLY A 205 -4.21 -4.65 -18.78
CA GLY A 205 -4.06 -3.21 -18.75
C GLY A 205 -2.63 -2.78 -18.87
N GLU A 206 -2.35 -1.61 -18.29
CA GLU A 206 -1.02 -1.01 -18.27
C GLU A 206 -0.32 -1.33 -16.95
N LEU A 207 0.97 -1.66 -17.01
CA LEU A 207 1.74 -1.99 -15.81
C LEU A 207 1.70 -0.80 -14.81
N ILE A 208 1.43 -1.14 -13.54
CA ILE A 208 1.64 -0.23 -12.44
C ILE A 208 2.88 -0.67 -11.71
N HIS A 209 3.85 0.19 -11.61
CA HIS A 209 5.07 -0.10 -10.89
C HIS A 209 5.28 0.97 -9.84
N VAL A 210 6.37 0.85 -9.13
CA VAL A 210 6.64 1.69 -7.96
C VAL A 210 6.61 3.18 -8.22
N PHE A 211 7.09 3.59 -9.41
CA PHE A 211 7.23 4.99 -9.73
C PHE A 211 6.36 5.52 -10.85
N ASN A 212 5.28 4.85 -11.18
CA ASN A 212 4.32 5.50 -12.05
C ASN A 212 2.91 5.54 -11.57
N LYS A 213 2.70 5.51 -10.24
CA LYS A 213 1.33 5.57 -9.75
C LYS A 213 0.62 6.86 -10.17
N HIS A 214 1.35 7.93 -10.45
CA HIS A 214 0.70 9.13 -11.00
C HIS A 214 -0.23 8.79 -12.17
N ASP A 215 0.27 7.96 -13.06
CA ASP A 215 -0.53 7.53 -14.23
C ASP A 215 -1.84 6.88 -13.94
N GLY A 216 -1.80 5.77 -13.18
CA GLY A 216 -3.00 5.09 -12.78
C GLY A 216 -3.95 5.97 -11.99
N ALA A 217 -3.38 6.91 -11.21
CA ALA A 217 -4.23 7.81 -10.41
C ALA A 217 -5.16 8.59 -11.36
N LEU A 218 -4.58 9.08 -12.45
CA LEU A 218 -5.39 9.85 -13.47
C LEU A 218 -6.30 8.99 -14.33
N LYS A 219 -5.96 7.72 -14.53
CA LYS A 219 -6.84 6.81 -15.25
C LYS A 219 -8.05 6.40 -14.42
N ASN A 220 -8.10 6.76 -13.15
CA ASN A 220 -9.28 6.46 -12.28
C ASN A 220 -10.14 7.67 -11.91
N THR A 221 -10.15 8.64 -12.79
CA THR A 221 -10.96 9.84 -12.56
C THR A 221 -12.49 9.55 -12.52
N ASP A 222 -12.97 8.49 -13.15
CA ASP A 222 -14.38 8.12 -12.95
C ASP A 222 -14.68 7.78 -11.50
N TYR A 223 -13.80 6.99 -10.87
CA TYR A 223 -13.94 6.69 -9.44
C TYR A 223 -13.89 7.99 -8.66
N PHE A 224 -12.87 8.81 -8.93
CA PHE A 224 -12.69 9.98 -8.14
C PHE A 224 -13.75 11.06 -8.39
N SER A 225 -14.24 11.14 -9.62
CA SER A 225 -15.28 12.11 -9.91
C SER A 225 -16.61 11.76 -9.20
N GLN A 226 -16.87 10.50 -8.89
CA GLN A 226 -18.06 10.16 -8.09
C GLN A 226 -17.91 10.49 -6.58
N LEU A 227 -16.71 10.81 -6.14
CA LEU A 227 -16.42 11.15 -4.75
C LEU A 227 -15.99 12.58 -4.61
N LYS A 228 -16.53 13.47 -5.44
CA LYS A 228 -16.15 14.86 -5.35
C LYS A 228 -16.37 15.42 -3.96
N ASP A 229 -17.46 14.98 -3.28
CA ASP A 229 -17.79 15.45 -1.94
C ASP A 229 -16.76 14.98 -0.88
N ASN A 230 -16.03 13.92 -1.20
CA ASN A 230 -15.06 13.36 -0.23
C ASN A 230 -13.72 14.06 -0.34
N SER A 231 -13.70 15.29 0.17
CA SER A 231 -12.64 16.21 -0.09
C SER A 231 -11.58 16.13 0.96
N ASN A 232 -11.73 15.22 1.95
CA ASN A 232 -10.75 15.07 3.03
C ASN A 232 -10.16 13.67 2.86
N ILE A 233 -8.85 13.63 2.70
CA ILE A 233 -8.14 12.43 2.23
C ILE A 233 -7.11 12.03 3.29
N ILE A 234 -7.13 10.75 3.66
CA ILE A 234 -6.01 10.16 4.36
C ILE A 234 -5.30 9.21 3.35
N LEU A 235 -4.01 9.48 3.13
CA LEU A 235 -3.18 8.73 2.22
C LEU A 235 -2.14 7.98 3.03
N LEU A 236 -1.99 6.68 2.78
CA LEU A 236 -1.00 5.82 3.47
CA LEU A 236 -1.03 5.80 3.48
C LEU A 236 -0.12 5.21 2.41
N GLY A 237 1.18 5.30 2.66
CA GLY A 237 2.16 4.64 1.83
C GLY A 237 3.46 4.28 2.50
N ASP A 238 4.35 3.56 1.80
CA ASP A 238 5.69 3.26 2.33
C ASP A 238 6.86 3.70 1.39
N SER A 239 6.48 4.13 0.19
CA SER A 239 7.43 4.53 -0.84
CA SER A 239 7.44 4.54 -0.83
C SER A 239 7.24 6.01 -1.16
N GLN A 240 8.30 6.66 -1.65
CA GLN A 240 8.16 7.96 -2.29
C GLN A 240 7.21 7.97 -3.47
N GLY A 241 7.12 6.85 -4.14
CA GLY A 241 6.23 6.75 -5.31
C GLY A 241 4.76 6.69 -4.90
N ASP A 242 4.48 6.44 -3.60
CA ASP A 242 3.06 6.47 -3.14
C ASP A 242 2.48 7.84 -2.94
N LEU A 243 3.34 8.84 -2.86
CA LEU A 243 2.92 10.23 -2.67
C LEU A 243 2.04 10.76 -3.77
N ARG A 244 2.09 10.10 -4.92
CA ARG A 244 1.33 10.48 -6.11
C ARG A 244 -0.05 9.85 -6.26
N MET A 245 -0.44 8.99 -5.31
CA MET A 245 -1.67 8.18 -5.43
C MET A 245 -2.90 9.01 -5.40
N ALA A 246 -2.85 10.18 -4.77
CA ALA A 246 -4.01 11.10 -4.73
C ALA A 246 -4.07 12.14 -5.89
N ASP A 247 -3.24 12.00 -6.91
CA ASP A 247 -3.20 12.99 -8.02
C ASP A 247 -4.49 13.05 -8.86
N GLY A 248 -5.34 12.04 -8.82
CA GLY A 248 -6.60 12.05 -9.53
C GLY A 248 -7.82 12.52 -8.72
N VAL A 249 -7.62 12.89 -7.47
CA VAL A 249 -8.75 13.24 -6.61
C VAL A 249 -9.35 14.52 -7.19
N ALA A 250 -10.68 14.58 -7.20
CA ALA A 250 -11.43 15.72 -7.75
C ALA A 250 -11.19 17.00 -6.99
N ASN A 251 -11.45 16.95 -5.69
CA ASN A 251 -11.34 18.11 -4.84
C ASN A 251 -10.62 17.71 -3.54
N VAL A 252 -9.55 18.41 -3.22
CA VAL A 252 -8.81 18.21 -1.98
C VAL A 252 -8.93 19.42 -1.12
N GLU A 253 -9.55 19.25 0.05
CA GLU A 253 -9.59 20.30 1.05
C GLU A 253 -8.58 20.07 2.19
N HIS A 254 -8.54 18.87 2.75
CA HIS A 254 -7.52 18.49 3.74
C HIS A 254 -6.97 17.12 3.32
N ILE A 255 -5.65 16.99 3.26
CA ILE A 255 -5.06 15.71 2.97
C ILE A 255 -3.96 15.48 3.96
N LEU A 256 -3.98 14.29 4.56
CA LEU A 256 -2.98 13.85 5.49
C LEU A 256 -2.24 12.67 4.85
N LYS A 257 -0.91 12.77 4.76
CA LYS A 257 -0.07 11.72 4.25
C LYS A 257 0.74 11.05 5.35
N ILE A 258 0.50 9.77 5.50
CA ILE A 258 1.15 8.95 6.49
C ILE A 258 2.08 7.98 5.76
N GLY A 259 3.37 7.97 6.11
CA GLY A 259 4.32 7.09 5.51
C GLY A 259 4.98 6.13 6.42
N TYR A 260 5.00 4.85 6.04
CA TYR A 260 5.71 3.84 6.79
C TYR A 260 7.13 3.81 6.25
N LEU A 261 8.12 4.10 7.12
CA LEU A 261 9.56 4.00 6.72
C LEU A 261 10.11 2.71 7.30
N ASN A 262 10.34 1.74 6.42
CA ASN A 262 10.62 0.41 6.85
C ASN A 262 12.10 -0.05 6.69
N ASP A 263 12.90 0.69 5.92
CA ASP A 263 14.27 0.25 5.51
C ASP A 263 15.08 1.46 5.15
N ARG A 264 16.41 1.36 5.35
CA ARG A 264 17.32 2.46 5.16
C ARG A 264 16.90 3.71 5.91
N VAL A 265 16.49 3.51 7.16
CA VAL A 265 15.81 4.56 7.95
C VAL A 265 16.69 5.79 8.12
N ASP A 266 17.98 5.62 8.50
CA ASP A 266 18.79 6.80 8.77
C ASP A 266 19.06 7.64 7.55
N GLU A 267 19.26 6.95 6.42
CA GLU A 267 19.49 7.60 5.15
C GLU A 267 18.25 8.26 4.58
N LEU A 268 17.05 7.72 4.88
CA LEU A 268 15.81 8.21 4.28
C LEU A 268 14.91 9.10 5.20
N LEU A 269 15.24 9.16 6.48
CA LEU A 269 14.35 9.86 7.45
C LEU A 269 14.07 11.28 7.08
N GLU A 270 15.09 12.05 6.66
CA GLU A 270 14.87 13.43 6.37
C GLU A 270 13.92 13.53 5.21
N LYS A 271 14.18 12.78 4.15
CA LYS A 271 13.37 12.92 2.92
C LYS A 271 11.90 12.49 3.22
N TYR A 272 11.76 11.44 4.00
CA TYR A 272 10.39 10.95 4.38
C TYR A 272 9.67 12.00 5.25
N MET A 273 10.35 12.57 6.24
CA MET A 273 9.77 13.66 7.06
C MET A 273 9.41 14.92 6.33
N ASP A 274 10.17 15.26 5.25
CA ASP A 274 9.83 16.35 4.36
C ASP A 274 8.61 16.06 3.47
N SER A 275 8.38 14.81 3.09
CA SER A 275 7.33 14.53 2.16
C SER A 275 6.03 13.94 2.72
N TYR A 276 6.11 13.23 3.83
CA TYR A 276 4.94 12.71 4.53
C TYR A 276 4.71 13.54 5.82
N ASP A 277 3.46 13.79 6.13
CA ASP A 277 3.07 14.56 7.32
C ASP A 277 3.44 13.80 8.57
N ILE A 278 3.20 12.48 8.55
CA ILE A 278 3.58 11.62 9.67
C ILE A 278 4.39 10.47 9.13
N VAL A 279 5.53 10.23 9.73
CA VAL A 279 6.40 9.13 9.35
C VAL A 279 6.41 8.15 10.48
N LEU A 280 6.16 6.88 10.16
CA LEU A 280 6.12 5.78 11.10
C LEU A 280 7.30 4.86 10.87
N VAL A 281 8.23 4.84 11.82
CA VAL A 281 9.53 4.20 11.59
C VAL A 281 9.52 2.80 12.17
N LYS A 282 9.69 1.82 11.30
CA LYS A 282 9.69 0.43 11.68
C LYS A 282 8.51 0.10 12.58
N GLU A 283 7.33 0.40 12.05
CA GLU A 283 6.07 0.28 12.77
C GLU A 283 5.17 -0.78 12.09
N GLU A 284 4.76 -1.83 12.82
CA GLU A 284 3.96 -2.83 12.21
C GLU A 284 2.47 -2.76 12.59
N SER A 285 2.01 -1.60 13.06
CA SER A 285 0.59 -1.41 13.36
C SER A 285 -0.04 -0.20 12.66
N LEU A 286 -1.37 -0.23 12.64
CA LEU A 286 -2.21 0.81 12.10
C LEU A 286 -2.78 1.65 13.24
N GLU A 287 -2.14 1.56 14.41
CA GLU A 287 -2.68 2.29 15.57
C GLU A 287 -2.83 3.84 15.42
N VAL A 288 -1.88 4.49 14.76
CA VAL A 288 -1.97 5.90 14.54
C VAL A 288 -3.13 6.29 13.67
N VAL A 289 -3.28 5.65 12.49
CA VAL A 289 -4.40 6.03 11.64
C VAL A 289 -5.75 5.63 12.33
N ASN A 290 -5.76 4.48 13.01
CA ASN A 290 -6.97 4.05 13.72
C ASN A 290 -7.42 5.07 14.77
N SER A 291 -6.45 5.70 15.43
CA SER A 291 -6.77 6.73 16.41
CA SER A 291 -6.75 6.73 16.43
C SER A 291 -7.37 7.96 15.76
N ILE A 292 -6.86 8.33 14.57
CA ILE A 292 -7.41 9.45 13.82
C ILE A 292 -8.84 9.18 13.36
N LEU A 293 -9.06 7.94 12.87
CA LEU A 293 -10.40 7.48 12.51
C LEU A 293 -11.37 7.53 13.69
N GLN A 294 -10.92 7.03 14.83
CA GLN A 294 -11.71 7.08 16.08
C GLN A 294 -12.18 8.50 16.39
N LYS A 295 -11.31 9.49 16.24
CA LYS A 295 -11.67 10.87 16.47
C LYS A 295 -12.56 11.48 15.41
N THR A 296 -12.48 10.93 14.21
CA THR A 296 -13.11 11.49 13.02
C THR A 296 -14.54 10.97 12.78
N LEU A 297 -14.75 9.68 12.90
CA LEU A 297 -15.96 9.05 12.36
C LEU A 297 -17.07 9.13 13.41
O3P C5P B . 1.50 -2.53 -2.96
P C5P B . 2.77 -1.87 -3.47
O1P C5P B . 3.73 -1.59 -2.36
O2P C5P B . 2.60 -0.82 -4.52
O5' C5P B . 3.44 -3.09 -4.24
C5' C5P B . 4.66 -2.89 -4.99
C4' C5P B . 5.83 -3.57 -4.35
O4' C5P B . 5.96 -4.92 -4.83
C3' C5P B . 7.15 -2.92 -4.71
O3' C5P B . 7.48 -1.92 -3.73
C2' C5P B . 8.18 -4.06 -4.71
O2' C5P B . 9.08 -4.09 -3.58
C1' C5P B . 7.32 -5.33 -4.75
N1 C5P B . 7.64 -6.24 -5.87
C2 C5P B . 8.06 -7.55 -5.59
N3 C5P B . 8.36 -8.38 -6.61
C4 C5P B . 8.28 -7.93 -7.88
C5 C5P B . 7.86 -6.61 -8.19
C6 C5P B . 7.57 -5.80 -7.16
O2 C5P B . 8.11 -7.93 -4.41
N4 C5P B . 8.58 -8.78 -8.88
C1 BME C . -12.93 20.89 15.14
C2 BME C . -11.85 19.85 15.44
O1 BME C . -14.26 20.42 15.45
S2 BME C . -10.34 20.79 15.79
C1 BME D . 7.94 -13.83 8.38
C2 BME D . 6.55 -13.82 7.75
O1 BME D . 7.87 -13.88 9.82
S2 BME D . 5.71 -12.22 7.97
N1 EPE E . -16.36 10.45 18.33
C2 EPE E . -16.30 11.75 17.71
C3 EPE E . -16.83 11.54 16.31
N4 EPE E . -18.23 11.09 16.37
C5 EPE E . -18.72 10.36 17.54
C6 EPE E . -17.56 9.61 18.22
C7 EPE E . -19.07 11.51 15.22
C8 EPE E . -20.34 10.68 14.97
O8 EPE E . -20.10 9.26 14.80
C9 EPE E . -15.17 9.94 18.99
C10 EPE E . -14.98 10.63 20.34
S EPE E . -13.58 10.08 21.12
O1S EPE E . -12.77 11.29 21.40
O2S EPE E . -12.80 9.16 20.28
O3S EPE E . -13.92 9.36 22.38
C1 EDO F . -18.90 9.43 2.39
O1 EDO F . -19.05 8.91 1.04
C2 EDO F . -18.66 8.34 3.40
O2 EDO F . -19.91 8.18 4.14
C1 EDO G . 10.68 -7.12 -2.59
O1 EDO G . 10.34 -8.41 -3.16
C2 EDO G . 11.25 -7.34 -1.21
O2 EDO G . 10.29 -8.12 -0.47
C1 EDO H . 13.08 8.16 -4.42
O1 EDO H . 12.98 6.75 -4.24
C2 EDO H . 14.47 8.51 -4.92
O2 EDO H . 15.44 7.72 -4.19
C1 EDO I . 22.60 1.11 -9.40
O1 EDO I . 22.38 1.90 -10.57
C2 EDO I . 22.65 -0.39 -9.75
O2 EDO I . 22.42 -0.56 -11.15
C1 EDO J . -11.18 -11.26 -9.33
O1 EDO J . -10.68 -9.96 -9.64
C2 EDO J . -10.81 -12.20 -10.48
O2 EDO J . -9.52 -12.76 -10.19
C1 EDO K . -21.69 1.70 -0.98
O1 EDO K . -22.44 2.01 0.22
C2 EDO K . -20.82 0.45 -0.82
O2 EDO K . -19.85 0.62 0.22
C1 EDO L . 3.64 -2.64 16.54
O1 EDO L . 3.15 -1.53 17.34
C2 EDO L . 2.74 -3.89 16.54
O2 EDO L . 3.53 -5.10 16.60
C1 EDO M . -3.07 -12.63 7.37
O1 EDO M . -4.38 -13.02 6.94
C2 EDO M . -3.45 -11.39 8.13
O2 EDO M . -2.41 -11.01 8.97
C1 EDO N . 0.32 24.96 9.52
O1 EDO N . 0.99 25.28 8.27
C2 EDO N . 0.41 26.18 10.45
O2 EDO N . 0.84 25.74 11.73
MG MG O . 4.18 -0.58 -0.74
#